data_1NFK
#
_entry.id   1NFK
#
_cell.length_a   84.200
_cell.length_b   132.100
_cell.length_c   80.100
_cell.angle_alpha   90.00
_cell.angle_beta   93.10
_cell.angle_gamma   90.00
#
_symmetry.space_group_name_H-M   'C 1 2 1'
#
loop_
_entity.id
_entity.type
_entity.pdbx_description
1 polymer "DNA (5'-D(*TP*GP*GP*GP*AP*AP*TP*TP*CP*CP*C)-3')"
2 polymer 'PROTEIN (NUCLEAR FACTOR KAPPA-B (NF-KB))'
3 water water
#
loop_
_entity_poly.entity_id
_entity_poly.type
_entity_poly.pdbx_seq_one_letter_code
_entity_poly.pdbx_strand_id
1 'polydeoxyribonucleotide' (DT)(DG)(DG)(DG)(DA)(DA)(DT)(DT)(DC)(DC)(DC) C,D
2 'polypeptide(L)'
;GPYLQILEQPKQRGFRFRYVCEGPSHGGLPGASSEKNKKSYPQVKICNYVGPAKVIVQLVTNGKNIHLHAHSLVGKHCED
GVCTVTAGPKDMVVGFANLGILHVTKKKVFETLEARMTEACIRGYNPGLLVHSDLAYLQAEGGGDRQLTDREKEIIRQAA
VQQTKEMDLSVVRLMFTAFLPDSTGSFTRRLEPVVSDAIYDSKAPNASNLKIVRMDRTAGCVTGGEEIYLLCDKVQKDDI
QIRFYEEEENGGVWEGFGDFSPTDVHRQFAIVFKTPKYKDVNITKPASVFVQLRRKSDLETSEPKPFLYYPEIKDKEEVQ
RKRQK
;
A,B
#
loop_
_chem_comp.id
_chem_comp.type
_chem_comp.name
_chem_comp.formula
DA DNA linking 2'-DEOXYADENOSINE-5'-MONOPHOSPHATE 'C10 H14 N5 O6 P'
DC DNA linking 2'-DEOXYCYTIDINE-5'-MONOPHOSPHATE 'C9 H14 N3 O7 P'
DG DNA linking 2'-DEOXYGUANOSINE-5'-MONOPHOSPHATE 'C10 H14 N5 O7 P'
DT DNA linking THYMIDINE-5'-MONOPHOSPHATE 'C10 H15 N2 O8 P'
#
# COMPACT_ATOMS: atom_id res chain seq x y z
N GLY C 1 -6.70 -26.60 -43.07
CA GLY C 1 -8.03 -26.12 -42.68
C GLY C 1 -7.91 -24.66 -42.29
N PRO C 2 -8.96 -23.85 -42.45
CA PRO C 2 -8.91 -22.43 -42.10
C PRO C 2 -8.50 -22.20 -40.66
N TYR C 3 -7.80 -21.11 -40.40
CA TYR C 3 -7.40 -20.84 -39.03
C TYR C 3 -7.15 -19.42 -38.61
N LEU C 4 -6.86 -19.27 -37.31
CA LEU C 4 -6.63 -17.97 -36.69
C LEU C 4 -5.19 -17.93 -36.22
N GLN C 5 -4.48 -16.88 -36.61
CA GLN C 5 -3.09 -16.72 -36.20
C GLN C 5 -2.75 -15.31 -35.77
N ILE C 6 -1.90 -15.24 -34.75
CA ILE C 6 -1.45 -13.97 -34.21
C ILE C 6 -0.22 -13.48 -34.97
N LEU C 7 -0.38 -12.31 -35.59
CA LEU C 7 0.67 -11.64 -36.35
C LEU C 7 1.49 -10.95 -35.28
N GLU C 8 0.94 -9.89 -34.69
CA GLU C 8 1.59 -9.13 -33.64
C GLU C 8 1.18 -9.68 -32.27
N GLN C 9 2.14 -10.26 -31.57
CA GLN C 9 1.96 -10.82 -30.24
C GLN C 9 1.95 -9.67 -29.20
N PRO C 10 1.38 -9.89 -28.01
CA PRO C 10 1.43 -8.76 -27.09
C PRO C 10 2.78 -8.79 -26.33
N LYS C 11 3.28 -7.62 -26.00
CA LYS C 11 4.54 -7.48 -25.29
C LYS C 11 4.32 -8.02 -23.86
N GLN C 12 5.30 -8.75 -23.34
CA GLN C 12 5.23 -9.34 -22.02
C GLN C 12 5.43 -8.44 -20.83
N ARG C 13 6.48 -7.60 -20.84
CA ARG C 13 6.77 -6.69 -19.73
C ARG C 13 6.62 -5.23 -20.05
N GLY C 14 6.39 -4.40 -19.02
CA GLY C 14 6.27 -2.97 -19.23
C GLY C 14 4.91 -2.29 -19.18
N PHE C 15 3.82 -3.06 -19.21
CA PHE C 15 2.49 -2.49 -19.19
C PHE C 15 1.90 -2.69 -17.81
N ARG C 16 1.20 -1.66 -17.31
CA ARG C 16 0.57 -1.76 -16.00
C ARG C 16 -0.95 -1.95 -16.00
N PHE C 17 -1.41 -2.95 -15.25
CA PHE C 17 -2.83 -3.20 -15.08
C PHE C 17 -3.28 -2.04 -14.20
N ARG C 18 -4.47 -1.51 -14.46
CA ARG C 18 -4.96 -0.38 -13.70
C ARG C 18 -6.11 -0.77 -12.79
N TYR C 19 -6.24 -0.15 -11.63
CA TYR C 19 -7.35 -0.43 -10.75
C TYR C 19 -8.38 0.58 -11.19
N VAL C 20 -9.66 0.32 -10.92
CA VAL C 20 -10.75 1.21 -11.30
C VAL C 20 -10.44 2.65 -10.93
N CYS C 21 -9.88 2.82 -9.74
CA CYS C 21 -9.52 4.12 -9.15
C CYS C 21 -8.46 4.97 -9.88
N GLU C 22 -7.50 4.30 -10.52
CA GLU C 22 -6.39 4.99 -11.17
C GLU C 22 -6.72 5.85 -12.36
N GLY C 23 -7.80 5.55 -13.04
CA GLY C 23 -8.17 6.35 -14.20
C GLY C 23 -7.77 5.53 -15.39
N PRO C 24 -8.03 5.99 -16.60
CA PRO C 24 -7.65 5.18 -17.75
C PRO C 24 -6.14 5.08 -17.96
N SER C 25 -5.77 4.10 -18.76
CA SER C 25 -4.42 3.89 -19.13
C SER C 25 -4.15 4.85 -20.28
N HIS C 26 -2.91 5.31 -20.39
CA HIS C 26 -2.47 6.22 -21.44
C HIS C 26 -1.83 5.45 -22.62
N GLY C 27 -2.68 4.89 -23.45
CA GLY C 27 -2.22 4.09 -24.56
C GLY C 27 -3.02 2.81 -24.39
N GLY C 28 -2.36 1.68 -24.56
CA GLY C 28 -3.07 0.43 -24.40
C GLY C 28 -2.04 -0.65 -24.52
N LEU C 29 -2.47 -1.87 -24.36
CA LEU C 29 -1.57 -3.00 -24.44
C LEU C 29 -0.80 -2.92 -25.77
N PRO C 30 0.53 -2.83 -25.69
CA PRO C 30 1.46 -2.74 -26.81
C PRO C 30 1.82 -4.08 -27.43
N GLY C 31 2.41 -4.00 -28.63
CA GLY C 31 2.84 -5.18 -29.37
C GLY C 31 4.28 -5.53 -29.09
N ALA C 32 4.59 -6.81 -29.16
CA ALA C 32 5.93 -7.30 -28.87
C ALA C 32 7.10 -6.51 -29.43
N SER C 33 6.96 -6.02 -30.66
CA SER C 33 8.03 -5.28 -31.31
C SER C 33 7.91 -3.76 -31.28
N SER C 34 7.06 -3.22 -30.40
CA SER C 34 6.92 -1.78 -30.33
C SER C 34 8.09 -1.09 -29.65
N GLU C 35 8.25 0.19 -29.97
CA GLU C 35 9.30 1.05 -29.46
C GLU C 35 8.83 2.47 -29.79
N LYS C 36 9.35 3.48 -29.07
CA LYS C 36 8.98 4.86 -29.33
C LYS C 36 9.21 5.30 -30.78
N ASN C 37 10.31 4.85 -31.39
CA ASN C 37 10.59 5.20 -32.79
C ASN C 37 9.41 4.81 -33.68
N LYS C 38 8.73 3.73 -33.29
CA LYS C 38 7.56 3.21 -33.98
C LYS C 38 6.82 2.14 -33.17
N LYS C 39 5.79 2.60 -32.48
CA LYS C 39 4.89 1.84 -31.61
C LYS C 39 4.04 0.80 -32.35
N SER C 40 3.36 -0.06 -31.60
CA SER C 40 2.50 -1.08 -32.19
C SER C 40 1.56 -1.79 -31.19
N TYR C 41 0.50 -2.40 -31.72
CA TYR C 41 -0.50 -3.10 -30.91
C TYR C 41 -0.65 -4.52 -31.40
N PRO C 42 -1.21 -5.43 -30.57
CA PRO C 42 -1.45 -6.85 -30.91
C PRO C 42 -2.32 -6.98 -32.17
N GLN C 43 -2.09 -8.06 -32.92
CA GLN C 43 -2.78 -8.29 -34.18
C GLN C 43 -2.94 -9.77 -34.55
N VAL C 44 -4.05 -10.09 -35.21
CA VAL C 44 -4.33 -11.45 -35.66
C VAL C 44 -5.04 -11.40 -37.03
N LYS C 45 -4.98 -12.52 -37.75
CA LYS C 45 -5.59 -12.64 -39.07
C LYS C 45 -6.23 -14.01 -39.19
N ILE C 46 -7.37 -14.06 -39.87
CA ILE C 46 -8.05 -15.34 -40.07
C ILE C 46 -7.55 -15.87 -41.40
N CYS C 47 -6.79 -16.96 -41.35
CA CYS C 47 -6.28 -17.59 -42.58
C CYS C 47 -7.36 -18.46 -43.23
N ASN C 48 -7.23 -18.63 -44.54
CA ASN C 48 -8.15 -19.44 -45.33
C ASN C 48 -9.54 -18.87 -45.29
N TYR C 49 -9.60 -17.55 -45.15
CA TYR C 49 -10.84 -16.77 -45.17
C TYR C 49 -12.04 -17.20 -44.35
N VAL C 50 -12.72 -18.23 -44.85
CA VAL C 50 -13.93 -18.78 -44.25
C VAL C 50 -14.97 -17.75 -43.82
N GLY C 51 -15.31 -16.87 -44.76
CA GLY C 51 -16.30 -15.84 -44.56
C GLY C 51 -16.06 -14.78 -43.51
N PRO C 52 -16.53 -13.53 -43.74
CA PRO C 52 -16.40 -12.38 -42.83
C PRO C 52 -16.88 -12.89 -41.48
N ALA C 53 -16.00 -12.86 -40.49
CA ALA C 53 -16.33 -13.36 -39.17
C ALA C 53 -16.44 -12.30 -38.04
N LYS C 54 -16.23 -12.77 -36.81
CA LYS C 54 -16.25 -11.95 -35.63
C LYS C 54 -15.17 -12.58 -34.74
N VAL C 55 -14.42 -11.75 -34.03
CA VAL C 55 -13.34 -12.21 -33.17
C VAL C 55 -13.55 -11.69 -31.75
N ILE C 56 -13.45 -12.60 -30.79
CA ILE C 56 -13.60 -12.24 -29.38
C ILE C 56 -12.26 -12.47 -28.69
N VAL C 57 -11.93 -11.55 -27.77
CA VAL C 57 -10.70 -11.66 -27.00
C VAL C 57 -11.18 -11.81 -25.56
N GLN C 58 -10.45 -12.58 -24.77
CA GLN C 58 -10.79 -12.75 -23.37
C GLN C 58 -9.48 -12.88 -22.59
N LEU C 59 -9.50 -12.58 -21.30
CA LEU C 59 -8.33 -12.72 -20.41
C LEU C 59 -8.36 -14.06 -19.69
N VAL C 60 -7.35 -14.87 -19.94
CA VAL C 60 -7.29 -16.17 -19.30
C VAL C 60 -6.02 -16.22 -18.40
N THR C 61 -5.95 -17.21 -17.52
CA THR C 61 -4.81 -17.30 -16.63
C THR C 61 -3.57 -17.92 -17.26
N ASN C 62 -2.48 -17.89 -16.51
CA ASN C 62 -1.20 -18.43 -16.93
C ASN C 62 -0.86 -19.73 -16.19
N GLY C 63 -1.79 -20.67 -16.20
CA GLY C 63 -1.53 -21.92 -15.49
C GLY C 63 -1.50 -23.16 -16.36
N LYS C 64 -1.47 -24.32 -15.73
CA LYS C 64 -1.47 -25.60 -16.43
C LYS C 64 -2.72 -25.80 -17.29
N ASN C 65 -3.84 -25.25 -16.83
CA ASN C 65 -5.10 -25.36 -17.54
C ASN C 65 -5.71 -23.97 -17.54
N ILE C 66 -5.67 -23.35 -18.71
CA ILE C 66 -6.18 -22.01 -18.90
C ILE C 66 -7.68 -21.88 -18.60
N HIS C 67 -8.00 -21.07 -17.60
CA HIS C 67 -9.36 -20.82 -17.20
C HIS C 67 -9.59 -19.34 -17.39
N LEU C 68 -10.71 -18.86 -16.91
CA LEU C 68 -11.01 -17.45 -17.03
C LEU C 68 -10.30 -16.65 -15.96
N HIS C 69 -9.91 -15.43 -16.30
CA HIS C 69 -9.26 -14.56 -15.34
C HIS C 69 -10.33 -13.62 -14.81
N ALA C 70 -10.08 -12.99 -13.66
CA ALA C 70 -11.00 -12.05 -13.05
C ALA C 70 -10.73 -10.59 -13.41
N HIS C 71 -9.66 -10.33 -14.15
CA HIS C 71 -9.39 -8.95 -14.56
C HIS C 71 -10.14 -8.80 -15.87
N SER C 72 -10.28 -7.57 -16.34
CA SER C 72 -11.03 -7.28 -17.55
C SER C 72 -10.33 -6.42 -18.57
N LEU C 73 -10.46 -6.80 -19.84
CA LEU C 73 -9.95 -6.02 -20.96
C LEU C 73 -10.99 -4.94 -21.07
N VAL C 74 -10.54 -3.69 -21.19
CA VAL C 74 -11.41 -2.53 -21.30
C VAL C 74 -11.07 -1.86 -22.62
N GLY C 75 -12.04 -1.26 -23.28
CA GLY C 75 -11.78 -0.63 -24.55
C GLY C 75 -13.07 -0.26 -25.28
N LYS C 76 -12.99 0.06 -26.57
CA LYS C 76 -14.18 0.45 -27.30
C LYS C 76 -15.15 -0.66 -27.62
N HIS C 77 -14.65 -1.77 -28.14
CA HIS C 77 -15.55 -2.87 -28.47
C HIS C 77 -15.52 -3.92 -27.36
N CYS C 78 -15.40 -3.45 -26.11
CA CYS C 78 -15.30 -4.34 -24.96
C CYS C 78 -16.47 -4.24 -23.99
N GLU C 79 -16.93 -5.39 -23.50
CA GLU C 79 -18.08 -5.47 -22.62
C GLU C 79 -18.00 -6.68 -21.68
N ASP C 80 -17.99 -6.42 -20.37
CA ASP C 80 -17.89 -7.47 -19.35
C ASP C 80 -16.61 -8.29 -19.44
N GLY C 81 -15.49 -7.62 -19.69
CA GLY C 81 -14.21 -8.30 -19.78
C GLY C 81 -13.93 -9.04 -21.07
N VAL C 82 -14.94 -9.09 -21.94
CA VAL C 82 -14.86 -9.76 -23.24
C VAL C 82 -14.98 -8.66 -24.28
N CYS C 83 -14.07 -8.69 -25.25
CA CYS C 83 -14.05 -7.72 -26.33
C CYS C 83 -14.58 -8.44 -27.51
N THR C 84 -15.29 -7.73 -28.38
CA THR C 84 -15.84 -8.38 -29.56
C THR C 84 -15.74 -7.46 -30.79
N VAL C 85 -15.00 -7.90 -31.78
CA VAL C 85 -14.76 -7.12 -32.99
C VAL C 85 -15.08 -7.96 -34.25
N THR C 86 -15.49 -7.30 -35.35
CA THR C 86 -15.82 -8.02 -36.58
C THR C 86 -14.76 -8.00 -37.68
N ALA C 87 -14.64 -9.14 -38.37
CA ALA C 87 -13.72 -9.32 -39.49
C ALA C 87 -14.51 -8.95 -40.75
N GLY C 88 -14.27 -7.75 -41.25
CA GLY C 88 -14.94 -7.25 -42.44
C GLY C 88 -14.79 -8.21 -43.59
N PRO C 89 -15.63 -8.08 -44.63
CA PRO C 89 -15.68 -8.89 -45.86
C PRO C 89 -14.38 -9.19 -46.60
N LYS C 90 -13.62 -8.15 -46.91
CA LYS C 90 -12.38 -8.32 -47.66
C LYS C 90 -11.11 -8.47 -46.79
N ASP C 91 -10.99 -7.61 -45.79
CA ASP C 91 -9.82 -7.63 -44.91
C ASP C 91 -10.04 -8.51 -43.68
N MET C 92 -9.19 -9.52 -43.58
CA MET C 92 -9.21 -10.51 -42.51
C MET C 92 -8.13 -10.28 -41.45
N VAL C 93 -7.64 -9.04 -41.37
CA VAL C 93 -6.64 -8.68 -40.36
C VAL C 93 -7.32 -7.83 -39.29
N VAL C 94 -7.28 -8.31 -38.06
CA VAL C 94 -7.88 -7.62 -36.92
C VAL C 94 -6.79 -7.11 -35.96
N GLY C 95 -6.78 -5.81 -35.72
CA GLY C 95 -5.79 -5.27 -34.82
C GLY C 95 -6.44 -4.85 -33.51
N PHE C 96 -5.67 -4.84 -32.42
CA PHE C 96 -6.22 -4.46 -31.12
C PHE C 96 -5.44 -3.34 -30.43
N ALA C 97 -5.74 -2.11 -30.86
CA ALA C 97 -5.13 -0.90 -30.32
C ALA C 97 -6.04 -0.34 -29.23
N ASN C 98 -5.42 0.18 -28.17
CA ASN C 98 -6.16 0.78 -27.08
C ASN C 98 -6.86 -0.28 -26.26
N LEU C 99 -6.12 -1.29 -25.85
CA LEU C 99 -6.71 -2.35 -25.04
C LEU C 99 -6.18 -2.16 -23.62
N GLY C 100 -7.08 -1.90 -22.67
CA GLY C 100 -6.66 -1.73 -21.29
C GLY C 100 -6.95 -2.99 -20.52
N ILE C 101 -6.23 -3.23 -19.44
CA ILE C 101 -6.46 -4.39 -18.57
C ILE C 101 -6.81 -3.75 -17.25
N LEU C 102 -7.96 -4.13 -16.68
CA LEU C 102 -8.47 -3.61 -15.43
C LEU C 102 -8.18 -4.61 -14.33
N HIS C 103 -7.53 -4.11 -13.30
CA HIS C 103 -7.07 -4.91 -12.19
C HIS C 103 -8.08 -5.00 -11.04
N VAL C 104 -8.54 -6.20 -10.69
CA VAL C 104 -9.46 -6.34 -9.55
C VAL C 104 -8.65 -6.53 -8.27
N THR C 105 -9.28 -6.17 -7.17
CA THR C 105 -8.75 -6.31 -5.82
C THR C 105 -9.04 -7.74 -5.42
N LYS C 106 -8.30 -8.24 -4.45
CA LYS C 106 -8.44 -9.62 -3.99
C LYS C 106 -9.80 -9.83 -3.39
N LYS C 107 -10.43 -8.76 -2.94
CA LYS C 107 -11.78 -8.82 -2.36
C LYS C 107 -12.77 -9.21 -3.42
N LYS C 108 -12.78 -8.47 -4.53
CA LYS C 108 -13.71 -8.75 -5.63
C LYS C 108 -13.37 -9.86 -6.63
N VAL C 109 -12.49 -10.80 -6.25
CA VAL C 109 -12.16 -11.87 -7.18
C VAL C 109 -13.28 -12.88 -7.40
N PHE C 110 -13.63 -13.67 -6.38
CA PHE C 110 -14.68 -14.68 -6.49
C PHE C 110 -15.89 -14.07 -7.16
N GLU C 111 -16.25 -12.90 -6.68
CA GLU C 111 -17.41 -12.19 -7.18
C GLU C 111 -17.34 -12.04 -8.71
N THR C 112 -16.32 -11.35 -9.20
CA THR C 112 -16.12 -11.12 -10.63
C THR C 112 -16.01 -12.42 -11.43
N LEU C 113 -15.25 -13.38 -10.93
CA LEU C 113 -15.06 -14.66 -11.57
C LEU C 113 -16.40 -15.38 -11.77
N GLU C 114 -17.20 -15.50 -10.71
CA GLU C 114 -18.47 -16.20 -10.84
C GLU C 114 -19.30 -15.62 -11.97
N ALA C 115 -19.31 -14.30 -12.10
CA ALA C 115 -20.08 -13.66 -13.16
C ALA C 115 -19.48 -13.99 -14.52
N ARG C 116 -18.16 -13.91 -14.64
CA ARG C 116 -17.49 -14.22 -15.93
C ARG C 116 -17.84 -15.63 -16.39
N MET C 117 -17.81 -16.59 -15.48
CA MET C 117 -18.15 -17.98 -15.80
C MET C 117 -19.66 -18.11 -16.11
N THR C 118 -20.49 -17.26 -15.52
CA THR C 118 -21.91 -17.33 -15.78
C THR C 118 -22.13 -16.83 -17.20
N GLU C 119 -21.67 -15.63 -17.50
CA GLU C 119 -21.85 -15.10 -18.83
C GLU C 119 -21.16 -15.92 -19.90
N ALA C 120 -20.00 -16.49 -19.58
CA ALA C 120 -19.29 -17.31 -20.55
C ALA C 120 -20.15 -18.51 -20.92
N CYS C 121 -20.75 -19.13 -19.91
CA CYS C 121 -21.57 -20.29 -20.13
C CYS C 121 -22.85 -19.98 -20.94
N ILE C 122 -23.56 -18.91 -20.59
CA ILE C 122 -24.78 -18.61 -21.33
C ILE C 122 -24.50 -18.09 -22.74
N ARG C 123 -23.46 -17.28 -22.88
CA ARG C 123 -23.09 -16.71 -24.19
C ARG C 123 -22.21 -17.64 -25.01
N GLY C 124 -22.08 -18.90 -24.59
CA GLY C 124 -21.25 -19.86 -25.33
C GLY C 124 -19.78 -19.49 -25.53
N TYR C 125 -19.17 -18.79 -24.56
CA TYR C 125 -17.76 -18.37 -24.61
C TYR C 125 -16.79 -19.41 -24.08
N ASN C 126 -16.80 -20.60 -24.69
CA ASN C 126 -15.90 -21.69 -24.31
C ASN C 126 -16.01 -22.10 -22.84
N PRO C 127 -17.16 -22.70 -22.45
CA PRO C 127 -17.40 -23.14 -21.07
C PRO C 127 -16.73 -24.43 -20.63
N GLY C 128 -16.42 -25.30 -21.58
CA GLY C 128 -15.76 -26.54 -21.20
C GLY C 128 -14.26 -26.34 -21.03
N LEU C 129 -13.73 -25.39 -21.80
CA LEU C 129 -12.31 -25.07 -21.80
C LEU C 129 -11.93 -24.21 -20.60
N LEU C 130 -12.56 -23.05 -20.52
CA LEU C 130 -12.25 -22.10 -19.47
C LEU C 130 -12.95 -22.24 -18.11
N VAL C 131 -14.19 -22.69 -18.12
CA VAL C 131 -14.97 -22.81 -16.89
C VAL C 131 -14.75 -24.14 -16.15
N HIS C 132 -15.44 -25.20 -16.54
CA HIS C 132 -15.21 -26.49 -15.88
C HIS C 132 -15.27 -27.62 -16.89
N SER C 133 -14.31 -28.52 -16.73
CA SER C 133 -14.14 -29.67 -17.58
C SER C 133 -15.35 -30.56 -17.40
N ASP C 134 -16.46 -30.14 -18.03
CA ASP C 134 -17.74 -30.81 -18.02
C ASP C 134 -18.88 -29.82 -18.05
N LEU C 135 -18.82 -28.79 -18.89
CA LEU C 135 -19.92 -27.87 -18.83
C LEU C 135 -20.40 -27.10 -20.05
N ALA C 136 -21.61 -26.54 -19.91
CA ALA C 136 -22.32 -25.76 -20.93
C ALA C 136 -22.16 -26.37 -22.32
N TYR C 137 -21.96 -27.69 -22.28
CA TYR C 137 -21.79 -28.60 -23.39
C TYR C 137 -22.16 -27.84 -24.65
N LEU C 138 -21.10 -27.34 -25.30
CA LEU C 138 -21.14 -26.60 -26.57
C LEU C 138 -20.95 -25.10 -26.55
N GLN C 139 -20.58 -24.59 -27.72
CA GLN C 139 -20.25 -23.19 -27.90
C GLN C 139 -21.30 -22.41 -28.69
N ALA C 140 -20.95 -22.01 -29.91
CA ALA C 140 -21.84 -21.22 -30.79
C ALA C 140 -21.81 -19.73 -30.38
N GLU C 141 -22.90 -19.01 -30.63
CA GLU C 141 -22.97 -17.59 -30.27
C GLU C 141 -24.35 -17.21 -29.72
N GLY C 142 -25.11 -16.41 -30.48
CA GLY C 142 -26.41 -15.99 -30.02
C GLY C 142 -27.54 -16.79 -30.64
N GLY C 143 -27.41 -18.12 -30.60
CA GLY C 143 -28.43 -18.97 -31.18
C GLY C 143 -28.12 -20.44 -30.91
N GLY C 144 -28.47 -20.88 -29.70
CA GLY C 144 -28.23 -22.26 -29.32
C GLY C 144 -27.70 -22.36 -27.91
N ASP C 145 -28.05 -21.38 -27.09
CA ASP C 145 -27.62 -21.32 -25.69
C ASP C 145 -28.46 -20.28 -24.98
N ARG C 146 -28.68 -20.48 -23.68
CA ARG C 146 -29.48 -19.54 -22.89
C ARG C 146 -29.40 -19.85 -21.39
N GLN C 147 -30.45 -19.47 -20.66
CA GLN C 147 -30.52 -19.66 -19.21
C GLN C 147 -30.14 -21.01 -18.58
N LEU C 148 -29.35 -20.91 -17.50
CA LEU C 148 -28.80 -22.04 -16.77
C LEU C 148 -29.68 -22.75 -15.75
N THR C 149 -29.34 -24.01 -15.53
CA THR C 149 -30.04 -24.82 -14.58
C THR C 149 -29.30 -24.80 -13.24
N ASP C 150 -29.99 -25.21 -12.19
CA ASP C 150 -29.42 -25.27 -10.86
C ASP C 150 -28.12 -26.05 -10.78
N ARG C 151 -28.11 -27.25 -11.33
CA ARG C 151 -26.91 -28.06 -11.31
C ARG C 151 -25.75 -27.27 -11.89
N GLU C 152 -25.99 -26.61 -13.03
CA GLU C 152 -24.97 -25.81 -13.70
C GLU C 152 -24.47 -24.70 -12.82
N LYS C 153 -25.37 -23.81 -12.41
CA LYS C 153 -25.04 -22.70 -11.50
C LYS C 153 -24.29 -23.24 -10.33
N GLU C 154 -24.66 -24.44 -9.91
CA GLU C 154 -23.98 -25.03 -8.80
C GLU C 154 -22.55 -25.40 -9.18
N ILE C 155 -22.36 -26.02 -10.35
CA ILE C 155 -21.02 -26.39 -10.83
C ILE C 155 -20.23 -25.09 -10.97
N ILE C 156 -20.86 -24.06 -11.51
CA ILE C 156 -20.20 -22.77 -11.67
C ILE C 156 -19.71 -22.22 -10.33
N ARG C 157 -20.43 -22.50 -9.24
CA ARG C 157 -19.99 -22.00 -7.95
C ARG C 157 -18.76 -22.71 -7.40
N GLN C 158 -18.77 -24.02 -7.40
CA GLN C 158 -17.64 -24.74 -6.91
C GLN C 158 -16.40 -24.37 -7.70
N ALA C 159 -16.55 -24.15 -9.01
CA ALA C 159 -15.42 -23.74 -9.87
C ALA C 159 -14.85 -22.39 -9.36
N ALA C 160 -15.67 -21.35 -9.28
CA ALA C 160 -15.27 -20.03 -8.77
C ALA C 160 -14.65 -20.06 -7.37
N VAL C 161 -15.14 -20.95 -6.51
CA VAL C 161 -14.58 -21.05 -5.18
C VAL C 161 -13.15 -21.54 -5.27
N GLN C 162 -12.92 -22.66 -5.96
CA GLN C 162 -11.56 -23.20 -6.09
C GLN C 162 -10.62 -22.27 -6.84
N GLN C 163 -11.00 -21.95 -8.07
CA GLN C 163 -10.20 -21.10 -8.93
C GLN C 163 -9.87 -19.73 -8.39
N THR C 164 -10.66 -19.22 -7.45
CA THR C 164 -10.37 -17.92 -6.84
C THR C 164 -9.05 -18.07 -6.06
N LYS C 165 -8.89 -19.22 -5.45
CA LYS C 165 -7.71 -19.54 -4.66
C LYS C 165 -6.44 -19.70 -5.51
N GLU C 166 -6.61 -20.09 -6.76
CA GLU C 166 -5.46 -20.35 -7.61
C GLU C 166 -5.29 -19.35 -8.73
N MET C 167 -5.52 -18.07 -8.44
CA MET C 167 -5.37 -17.03 -9.45
C MET C 167 -4.30 -16.00 -9.10
N ASP C 168 -3.42 -15.75 -10.08
CA ASP C 168 -2.35 -14.80 -9.93
C ASP C 168 -2.80 -13.51 -10.57
N LEU C 169 -2.85 -12.43 -9.80
CA LEU C 169 -3.34 -11.17 -10.34
C LEU C 169 -2.24 -10.35 -11.02
N SER C 170 -1.04 -10.93 -11.09
CA SER C 170 0.12 -10.28 -11.71
C SER C 170 0.41 -10.72 -13.13
N VAL C 171 -0.08 -11.89 -13.51
CA VAL C 171 0.11 -12.41 -14.87
C VAL C 171 -1.22 -12.68 -15.57
N VAL C 172 -1.25 -12.45 -16.86
CA VAL C 172 -2.49 -12.61 -17.61
C VAL C 172 -2.18 -13.00 -19.06
N ARG C 173 -3.09 -13.72 -19.73
CA ARG C 173 -2.93 -14.04 -21.16
C ARG C 173 -4.16 -13.62 -21.93
N LEU C 174 -4.00 -13.55 -23.25
CA LEU C 174 -5.06 -13.18 -24.16
C LEU C 174 -5.49 -14.42 -24.95
N MET C 175 -6.80 -14.67 -25.02
CA MET C 175 -7.31 -15.79 -25.79
C MET C 175 -8.17 -15.17 -26.87
N PHE C 176 -7.88 -15.50 -28.14
CA PHE C 176 -8.64 -14.98 -29.27
C PHE C 176 -9.46 -16.16 -29.83
N THR C 177 -10.71 -15.90 -30.21
CA THR C 177 -11.60 -16.93 -30.76
C THR C 177 -12.39 -16.30 -31.89
N ALA C 178 -12.34 -16.93 -33.06
CA ALA C 178 -13.03 -16.43 -34.25
C ALA C 178 -14.29 -17.23 -34.60
N PHE C 179 -15.26 -16.55 -35.20
CA PHE C 179 -16.50 -17.19 -35.59
C PHE C 179 -16.91 -17.01 -37.02
N LEU C 180 -16.89 -18.12 -37.76
CA LEU C 180 -17.27 -18.14 -39.18
C LEU C 180 -18.76 -18.45 -39.27
N PRO C 181 -19.44 -17.80 -40.21
CA PRO C 181 -20.88 -17.88 -40.52
C PRO C 181 -21.60 -19.24 -40.73
N ASP C 182 -22.32 -19.73 -39.72
CA ASP C 182 -23.04 -20.99 -39.88
C ASP C 182 -24.45 -20.70 -40.37
N SER C 183 -24.97 -21.59 -41.20
CA SER C 183 -26.30 -21.47 -41.76
C SER C 183 -26.41 -20.18 -42.58
N THR C 184 -26.81 -19.10 -41.92
CA THR C 184 -26.95 -17.80 -42.56
C THR C 184 -26.91 -16.70 -41.50
N GLY C 185 -25.88 -15.86 -41.56
CA GLY C 185 -25.75 -14.78 -40.61
C GLY C 185 -25.12 -15.23 -39.30
N SER C 186 -25.83 -16.07 -38.56
CA SER C 186 -25.35 -16.58 -37.28
C SER C 186 -23.92 -17.12 -37.31
N PHE C 187 -22.97 -16.35 -36.77
CA PHE C 187 -21.58 -16.78 -36.72
C PHE C 187 -21.51 -17.83 -35.62
N THR C 188 -20.91 -18.98 -35.91
CA THR C 188 -20.82 -20.01 -34.90
C THR C 188 -19.73 -21.04 -35.14
N ARG C 189 -19.07 -21.02 -36.31
CA ARG C 189 -17.99 -21.97 -36.56
C ARG C 189 -16.81 -21.39 -35.82
N ARG C 190 -16.58 -21.91 -34.63
CA ARG C 190 -15.50 -21.44 -33.80
C ARG C 190 -14.23 -22.17 -34.21
N LEU C 191 -13.25 -21.44 -34.72
CA LEU C 191 -11.97 -22.07 -35.08
C LEU C 191 -11.24 -22.22 -33.76
N GLU C 192 -10.35 -23.19 -33.64
CA GLU C 192 -9.64 -23.39 -32.38
C GLU C 192 -9.04 -22.10 -31.82
N PRO C 193 -9.42 -21.71 -30.60
CA PRO C 193 -8.88 -20.48 -29.99
C PRO C 193 -7.39 -20.59 -29.64
N VAL C 194 -6.64 -19.50 -29.79
CA VAL C 194 -5.21 -19.53 -29.44
C VAL C 194 -4.87 -18.50 -28.40
N VAL C 195 -4.09 -18.95 -27.43
CA VAL C 195 -3.68 -18.13 -26.30
C VAL C 195 -2.32 -17.44 -26.56
N SER C 196 -2.25 -16.14 -26.29
CA SER C 196 -1.03 -15.35 -26.46
C SER C 196 -0.05 -15.73 -25.37
N ASP C 197 1.08 -15.05 -25.30
CA ASP C 197 2.02 -15.36 -24.19
C ASP C 197 1.69 -14.41 -23.06
N ALA C 198 2.16 -14.80 -21.88
CA ALA C 198 1.95 -14.07 -20.66
C ALA C 198 2.29 -12.57 -20.72
N ILE C 199 1.48 -11.78 -20.03
CA ILE C 199 1.64 -10.36 -19.90
C ILE C 199 1.73 -10.19 -18.37
N TYR C 200 2.81 -9.59 -17.87
CA TYR C 200 3.04 -9.39 -16.43
C TYR C 200 2.86 -7.92 -16.09
N ASP C 201 2.27 -7.66 -14.92
CA ASP C 201 1.96 -6.32 -14.46
C ASP C 201 3.26 -5.67 -14.04
N SER C 202 3.58 -4.53 -14.65
CA SER C 202 4.80 -3.85 -14.30
C SER C 202 4.71 -3.30 -12.88
N LYS C 203 3.54 -3.41 -12.24
CA LYS C 203 3.43 -2.94 -10.87
C LYS C 203 3.54 -4.12 -9.96
N ALA C 204 4.00 -5.25 -10.48
CA ALA C 204 4.19 -6.47 -9.71
C ALA C 204 5.66 -6.40 -9.31
N PRO C 205 5.98 -6.58 -8.01
CA PRO C 205 7.36 -6.53 -7.47
C PRO C 205 8.42 -7.26 -8.29
N ASN C 206 8.06 -8.39 -8.84
CA ASN C 206 8.95 -9.19 -9.66
C ASN C 206 8.85 -8.99 -11.19
N ALA C 207 8.21 -7.92 -11.62
CA ALA C 207 8.11 -7.64 -13.05
C ALA C 207 8.16 -6.15 -13.21
N SER C 208 8.69 -5.53 -12.17
CA SER C 208 8.83 -4.09 -12.11
C SER C 208 9.90 -3.59 -13.11
N ASN C 209 9.81 -2.32 -13.50
CA ASN C 209 10.81 -1.74 -14.37
C ASN C 209 12.04 -1.36 -13.49
N LEU C 210 13.11 -2.15 -13.56
CA LEU C 210 14.33 -1.94 -12.78
C LEU C 210 15.03 -0.65 -13.18
N LYS C 211 15.55 0.12 -12.25
CA LYS C 211 16.22 1.36 -12.67
C LYS C 211 17.21 1.82 -11.65
N ILE C 212 18.38 2.31 -12.09
CA ILE C 212 19.37 2.87 -11.15
C ILE C 212 19.17 4.36 -11.29
N VAL C 213 18.82 5.04 -10.19
CA VAL C 213 18.58 6.48 -10.27
C VAL C 213 19.77 7.37 -9.95
N ARG C 214 20.71 6.88 -9.13
CA ARG C 214 21.95 7.58 -8.77
C ARG C 214 22.77 6.74 -7.81
N MET C 215 24.10 6.81 -7.95
CA MET C 215 25.06 6.09 -7.06
C MET C 215 26.22 7.03 -6.64
N ASP C 216 26.65 6.96 -5.38
CA ASP C 216 27.70 7.88 -4.88
C ASP C 216 29.05 7.88 -5.55
N ARG C 217 29.48 6.75 -6.08
CA ARG C 217 30.79 6.67 -6.72
C ARG C 217 30.61 5.97 -8.03
N THR C 218 30.96 6.65 -9.11
CA THR C 218 30.86 6.11 -10.47
C THR C 218 32.19 5.70 -11.16
N ALA C 219 33.20 5.40 -10.34
CA ALA C 219 34.53 4.98 -10.79
C ALA C 219 35.23 4.37 -9.59
N GLY C 220 36.07 3.36 -9.80
CA GLY C 220 36.73 2.72 -8.68
C GLY C 220 38.03 2.05 -9.09
N CYS C 221 38.91 1.78 -8.15
CA CYS C 221 40.16 1.17 -8.52
C CYS C 221 39.98 -0.26 -8.96
N VAL C 222 40.80 -0.68 -9.94
CA VAL C 222 40.83 -2.06 -10.42
C VAL C 222 41.11 -2.77 -9.11
N THR C 223 40.41 -3.87 -8.91
CA THR C 223 40.40 -4.67 -7.68
C THR C 223 38.92 -4.45 -7.39
N GLY C 224 38.56 -3.89 -6.24
CA GLY C 224 37.16 -3.67 -5.99
C GLY C 224 36.96 -4.16 -4.59
N GLY C 225 36.21 -3.42 -3.82
CA GLY C 225 36.01 -3.75 -2.44
C GLY C 225 35.70 -2.39 -1.86
N GLU C 226 35.51 -1.44 -2.77
CA GLU C 226 35.18 -0.08 -2.46
C GLU C 226 33.69 -0.09 -2.27
N GLU C 227 33.22 0.42 -1.14
CA GLU C 227 31.81 0.47 -0.82
C GLU C 227 31.09 1.58 -1.60
N ILE C 228 29.95 1.22 -2.23
CA ILE C 228 29.13 2.16 -3.00
C ILE C 228 27.64 2.09 -2.56
N TYR C 229 27.03 3.26 -2.32
CA TYR C 229 25.59 3.39 -1.99
C TYR C 229 24.88 3.66 -3.30
N LEU C 230 24.01 2.73 -3.73
CA LEU C 230 23.22 2.87 -4.96
C LEU C 230 21.75 2.98 -4.60
N LEU C 231 21.11 3.97 -5.19
CA LEU C 231 19.69 4.26 -5.00
C LEU C 231 18.88 3.82 -6.23
N CYS C 232 17.97 2.89 -6.04
CA CYS C 232 17.17 2.37 -7.14
C CYS C 232 15.67 2.48 -6.91
N ASP C 233 14.93 1.94 -7.85
CA ASP C 233 13.51 1.87 -7.74
C ASP C 233 13.29 0.49 -7.16
N LYS C 234 12.12 0.29 -6.53
CA LYS C 234 11.78 -0.93 -5.84
C LYS C 234 12.33 -2.22 -6.41
N VAL C 235 13.14 -2.91 -5.60
CA VAL C 235 13.74 -4.18 -5.96
C VAL C 235 13.44 -5.18 -4.87
N GLN C 236 13.58 -6.47 -5.14
CA GLN C 236 13.33 -7.53 -4.18
C GLN C 236 14.65 -8.05 -3.65
N LYS C 237 14.94 -7.76 -2.39
CA LYS C 237 16.17 -8.14 -1.70
C LYS C 237 16.75 -9.52 -1.92
N ASP C 238 15.92 -10.54 -2.02
CA ASP C 238 16.45 -11.89 -2.18
C ASP C 238 16.53 -12.34 -3.65
N ASP C 239 16.27 -11.41 -4.57
CA ASP C 239 16.31 -11.72 -6.00
C ASP C 239 17.09 -10.73 -6.88
N ILE C 240 17.64 -9.68 -6.28
CA ILE C 240 18.35 -8.66 -7.04
C ILE C 240 19.87 -8.85 -6.98
N GLN C 241 20.55 -8.33 -8.00
CA GLN C 241 22.02 -8.38 -8.08
C GLN C 241 22.52 -7.25 -8.98
N ILE C 242 23.72 -6.73 -8.67
CA ILE C 242 24.37 -5.64 -9.42
C ILE C 242 25.40 -6.22 -10.40
N ARG C 243 25.19 -5.98 -11.69
CA ARG C 243 26.04 -6.53 -12.74
C ARG C 243 26.93 -5.52 -13.43
N PHE C 244 28.23 -5.71 -13.26
CA PHE C 244 29.25 -4.87 -13.90
C PHE C 244 29.66 -5.66 -15.14
N TYR C 245 29.72 -5.02 -16.30
CA TYR C 245 30.13 -5.78 -17.48
C TYR C 245 30.85 -4.93 -18.55
N GLU C 246 31.52 -5.62 -19.47
CA GLU C 246 32.23 -4.95 -20.56
C GLU C 246 31.92 -5.62 -21.90
N GLU C 247 31.18 -4.90 -22.73
CA GLU C 247 30.72 -5.37 -24.03
C GLU C 247 31.77 -5.47 -25.13
N GLU C 248 32.67 -6.43 -25.02
CA GLU C 248 33.69 -6.60 -26.05
C GLU C 248 33.11 -7.27 -27.31
N GLU C 249 31.82 -7.54 -27.29
CA GLU C 249 31.10 -8.15 -28.42
C GLU C 249 31.65 -9.48 -28.95
N ASN C 250 32.69 -9.42 -29.78
CA ASN C 250 33.29 -10.60 -30.39
C ASN C 250 34.00 -11.55 -29.43
N GLY C 251 33.22 -12.26 -28.62
CA GLY C 251 33.78 -13.21 -27.69
C GLY C 251 33.04 -13.21 -26.37
N GLY C 252 33.74 -13.56 -25.31
CA GLY C 252 33.13 -13.58 -23.99
C GLY C 252 33.35 -12.24 -23.32
N VAL C 253 32.37 -11.36 -23.42
CA VAL C 253 32.44 -10.02 -22.82
C VAL C 253 32.72 -10.08 -21.32
N TRP C 254 33.10 -8.96 -20.71
CA TRP C 254 33.38 -8.98 -19.27
C TRP C 254 32.13 -8.94 -18.40
N GLU C 255 32.22 -9.52 -17.21
CA GLU C 255 31.09 -9.57 -16.29
C GLU C 255 31.54 -9.82 -14.87
N GLY C 256 31.09 -8.95 -13.95
CA GLY C 256 31.40 -9.03 -12.54
C GLY C 256 30.19 -8.61 -11.73
N PHE C 257 30.15 -9.02 -10.46
CA PHE C 257 29.01 -8.73 -9.58
C PHE C 257 29.30 -7.98 -8.28
N GLY C 258 28.55 -6.90 -8.03
CA GLY C 258 28.73 -6.15 -6.79
C GLY C 258 28.53 -7.10 -5.62
N ASP C 259 29.29 -6.88 -4.54
CA ASP C 259 29.27 -7.73 -3.35
C ASP C 259 28.44 -7.17 -2.17
N PHE C 260 27.43 -7.93 -1.73
CA PHE C 260 26.55 -7.52 -0.61
C PHE C 260 25.62 -8.67 -0.19
N SER C 261 24.87 -8.45 0.87
CA SER C 261 23.91 -9.43 1.38
C SER C 261 22.50 -8.87 1.23
N PRO C 262 21.44 -9.70 1.45
CA PRO C 262 20.05 -9.23 1.33
C PRO C 262 19.77 -8.13 2.36
N THR C 263 20.48 -8.23 3.48
CA THR C 263 20.37 -7.27 4.57
C THR C 263 20.90 -5.89 4.17
N ASP C 264 21.63 -5.82 3.07
CA ASP C 264 22.20 -4.54 2.65
C ASP C 264 21.25 -3.72 1.83
N VAL C 265 20.20 -4.38 1.31
CA VAL C 265 19.14 -3.74 0.51
C VAL C 265 18.22 -3.07 1.54
N HIS C 266 18.22 -1.75 1.51
CA HIS C 266 17.47 -0.95 2.45
C HIS C 266 16.07 -0.57 1.97
N ARG C 267 15.07 -1.22 2.57
CA ARG C 267 13.68 -0.93 2.27
C ARG C 267 13.33 -0.92 0.78
N GLN C 268 13.96 -1.81 0.01
CA GLN C 268 13.75 -1.94 -1.45
C GLN C 268 14.20 -0.81 -2.39
N PHE C 269 14.67 0.29 -1.85
CA PHE C 269 15.04 1.39 -2.71
C PHE C 269 16.51 1.76 -2.69
N ALA C 270 17.35 0.92 -2.09
CA ALA C 270 18.75 1.22 -2.04
C ALA C 270 19.52 -0.02 -1.71
N ILE C 271 20.76 -0.08 -2.22
CA ILE C 271 21.71 -1.19 -1.98
C ILE C 271 23.09 -0.59 -1.70
N VAL C 272 23.71 -0.99 -0.59
CA VAL C 272 25.07 -0.59 -0.22
C VAL C 272 25.91 -1.86 -0.49
N PHE C 273 26.74 -1.80 -1.53
CA PHE C 273 27.55 -2.94 -1.96
C PHE C 273 29.00 -2.54 -2.13
N LYS C 274 29.83 -3.53 -2.44
CA LYS C 274 31.27 -3.34 -2.66
C LYS C 274 31.63 -3.81 -4.02
N THR C 275 32.32 -2.98 -4.78
CA THR C 275 32.75 -3.32 -6.15
C THR C 275 33.55 -4.63 -6.22
N PRO C 276 33.45 -5.34 -7.35
CA PRO C 276 34.13 -6.62 -7.60
C PRO C 276 35.50 -6.36 -8.26
N LYS C 277 36.34 -7.39 -8.39
CA LYS C 277 37.66 -7.24 -9.05
C LYS C 277 37.54 -7.16 -10.59
N TYR C 278 38.14 -6.12 -11.19
CA TYR C 278 38.10 -5.96 -12.67
C TYR C 278 38.92 -7.09 -13.29
N LYS C 279 38.78 -7.29 -14.60
CA LYS C 279 39.47 -8.34 -15.34
C LYS C 279 40.50 -9.15 -14.58
N ASP C 280 40.01 -9.87 -13.56
CA ASP C 280 40.80 -10.73 -12.70
C ASP C 280 41.81 -10.02 -11.81
N VAL C 281 42.77 -9.35 -12.45
CA VAL C 281 43.84 -8.62 -11.76
C VAL C 281 43.90 -7.14 -12.22
N ASN C 282 44.49 -6.95 -13.39
CA ASN C 282 44.65 -5.69 -14.11
C ASN C 282 45.68 -4.64 -13.82
N ILE C 283 45.97 -3.87 -14.87
CA ILE C 283 46.98 -2.83 -14.88
C ILE C 283 46.51 -1.67 -15.77
N THR C 284 46.02 -2.07 -16.95
CA THR C 284 45.46 -1.20 -18.00
C THR C 284 45.70 0.32 -17.92
N LYS C 285 44.66 1.05 -18.33
CA LYS C 285 44.49 2.50 -18.35
C LYS C 285 43.01 2.58 -17.89
N PRO C 286 42.43 3.79 -17.71
CA PRO C 286 41.03 3.81 -17.26
C PRO C 286 40.08 3.08 -18.21
N ALA C 287 39.76 1.84 -17.83
CA ALA C 287 38.87 0.94 -18.59
C ALA C 287 37.37 1.15 -18.32
N SER C 288 36.65 1.58 -19.34
CA SER C 288 35.22 1.82 -19.23
C SER C 288 34.39 0.53 -19.38
N VAL C 289 33.38 0.38 -18.52
CA VAL C 289 32.45 -0.77 -18.47
C VAL C 289 31.06 -0.20 -18.15
N PHE C 290 30.08 -1.07 -17.89
CA PHE C 290 28.75 -0.62 -17.48
C PHE C 290 28.30 -1.31 -16.19
N VAL C 291 27.37 -0.67 -15.49
CA VAL C 291 26.78 -1.21 -14.25
C VAL C 291 25.27 -1.31 -14.53
N GLN C 292 24.63 -2.33 -13.94
CA GLN C 292 23.20 -2.51 -14.11
C GLN C 292 22.63 -3.42 -13.04
N LEU C 293 21.35 -3.27 -12.79
CA LEU C 293 20.63 -4.12 -11.86
C LEU C 293 20.02 -5.22 -12.75
N ARG C 294 20.00 -6.44 -12.22
CA ARG C 294 19.41 -7.54 -12.95
C ARG C 294 18.78 -8.51 -11.96
N ARG C 295 17.61 -9.00 -12.32
CA ARG C 295 16.82 -9.92 -11.50
C ARG C 295 17.31 -11.35 -11.72
N LYS C 296 17.75 -12.04 -10.69
CA LYS C 296 18.21 -13.40 -10.92
C LYS C 296 17.09 -14.43 -11.17
N SER C 297 15.83 -14.00 -11.09
CA SER C 297 14.72 -14.92 -11.32
C SER C 297 14.47 -15.02 -12.81
N ASP C 298 14.47 -13.89 -13.50
CA ASP C 298 14.22 -13.86 -14.93
C ASP C 298 15.28 -13.15 -15.78
N LEU C 299 16.44 -12.84 -15.20
CA LEU C 299 17.53 -12.16 -15.88
C LEU C 299 17.13 -10.88 -16.65
N GLU C 300 16.02 -10.28 -16.25
CA GLU C 300 15.57 -9.03 -16.82
C GLU C 300 16.52 -8.00 -16.22
N THR C 301 16.77 -6.93 -16.97
CA THR C 301 17.77 -5.96 -16.59
C THR C 301 17.39 -4.48 -16.59
N SER C 302 18.16 -3.67 -15.87
CA SER C 302 17.91 -2.24 -15.84
C SER C 302 18.72 -1.54 -16.93
N GLU C 303 18.41 -0.27 -17.15
CA GLU C 303 19.16 0.52 -18.10
C GLU C 303 20.55 0.60 -17.51
N PRO C 304 21.59 0.62 -18.35
CA PRO C 304 22.97 0.70 -17.87
C PRO C 304 23.41 2.06 -17.33
N LYS C 305 24.39 1.99 -16.45
CA LYS C 305 24.99 3.15 -15.84
C LYS C 305 26.47 2.93 -16.13
N PRO C 306 27.13 3.91 -16.78
CA PRO C 306 28.56 3.72 -17.07
C PRO C 306 29.46 3.84 -15.84
N PHE C 307 30.31 2.84 -15.65
CA PHE C 307 31.26 2.84 -14.55
C PHE C 307 32.63 3.05 -15.21
N LEU C 308 33.66 3.31 -14.40
CA LEU C 308 35.02 3.51 -14.91
C LEU C 308 36.06 3.03 -13.93
N TYR C 309 36.80 2.01 -14.32
CA TYR C 309 37.86 1.48 -13.46
C TYR C 309 39.16 2.22 -13.79
N TYR C 310 39.97 2.48 -12.78
CA TYR C 310 41.23 3.15 -12.98
C TYR C 310 42.26 2.35 -12.27
N PRO C 311 43.47 2.21 -12.88
CA PRO C 311 44.58 1.44 -12.29
C PRO C 311 44.98 1.97 -10.93
N GLU C 312 45.77 1.18 -10.24
CA GLU C 312 46.24 1.54 -8.91
C GLU C 312 47.44 2.52 -8.85
N GLY D 1 -19.05 20.40 42.66
CA GLY D 1 -19.93 19.23 42.39
C GLY D 1 -19.03 18.10 41.92
N PRO D 2 -19.56 16.87 41.76
CA PRO D 2 -18.77 15.72 41.31
C PRO D 2 -18.10 16.08 40.01
N TYR D 3 -16.87 15.61 39.85
CA TYR D 3 -16.08 15.86 38.65
C TYR D 3 -15.33 14.60 38.23
N LEU D 4 -15.11 14.44 36.94
CA LEU D 4 -14.35 13.30 36.42
C LEU D 4 -13.03 14.00 36.20
N GLN D 5 -11.94 13.35 36.57
CA GLN D 5 -10.64 13.97 36.48
C GLN D 5 -9.55 13.02 35.98
N ILE D 6 -9.06 13.26 34.75
CA ILE D 6 -8.01 12.41 34.17
C ILE D 6 -6.72 12.69 34.92
N LEU D 7 -6.24 11.70 35.64
CA LEU D 7 -4.99 11.89 36.32
C LEU D 7 -3.91 11.69 35.24
N GLU D 8 -3.66 10.43 34.92
CA GLU D 8 -2.66 10.05 33.94
C GLU D 8 -3.20 10.02 32.50
N GLN D 9 -2.68 10.91 31.66
CA GLN D 9 -3.09 10.96 30.26
C GLN D 9 -2.46 9.82 29.43
N PRO D 10 -2.97 9.56 28.22
CA PRO D 10 -2.43 8.49 27.37
C PRO D 10 -1.11 8.86 26.64
N LYS D 11 -0.36 7.85 26.19
CA LYS D 11 0.89 8.08 25.46
C LYS D 11 0.52 8.70 24.12
N GLN D 12 0.67 10.02 24.03
CA GLN D 12 0.29 10.80 22.86
C GLN D 12 0.94 10.45 21.51
N ARG D 13 2.03 9.68 21.52
CA ARG D 13 2.76 9.32 20.29
C ARG D 13 3.54 8.01 20.47
N GLY D 14 3.65 7.19 19.44
CA GLY D 14 4.36 5.94 19.59
C GLY D 14 3.56 4.63 19.67
N PHE D 15 2.22 4.72 19.69
CA PHE D 15 1.32 3.53 19.77
C PHE D 15 0.77 3.21 18.37
N ARG D 16 0.77 1.93 18.04
CA ARG D 16 0.32 1.47 16.73
C ARG D 16 -1.07 0.84 16.72
N PHE D 17 -2.00 1.42 15.95
CA PHE D 17 -3.36 0.88 15.80
C PHE D 17 -3.19 -0.40 14.96
N ARG D 18 -3.97 -1.43 15.24
CA ARG D 18 -3.84 -2.66 14.48
C ARG D 18 -5.12 -3.00 13.77
N TYR D 19 -5.01 -3.52 12.55
CA TYR D 19 -6.20 -3.90 11.79
C TYR D 19 -6.65 -5.20 12.44
N VAL D 20 -7.94 -5.52 12.31
CA VAL D 20 -8.46 -6.74 12.92
C VAL D 20 -7.66 -7.97 12.44
N CYS D 21 -7.05 -7.84 11.27
CA CYS D 21 -6.24 -8.90 10.70
C CYS D 21 -5.00 -9.26 11.55
N GLU D 22 -4.50 -8.27 12.31
CA GLU D 22 -3.26 -8.38 13.08
C GLU D 22 -3.18 -8.85 14.55
N GLY D 23 -4.30 -9.03 15.22
CA GLY D 23 -4.27 -9.51 16.60
C GLY D 23 -4.15 -8.47 17.70
N PRO D 24 -3.42 -8.76 18.77
CA PRO D 24 -3.24 -7.84 19.90
C PRO D 24 -2.06 -6.87 19.76
N SER D 25 -1.96 -5.92 20.68
CA SER D 25 -0.86 -4.94 20.71
C SER D 25 0.12 -5.36 21.78
N HIS D 26 -0.07 -6.58 22.30
CA HIS D 26 0.77 -7.13 23.35
C HIS D 26 0.54 -6.40 24.69
N GLY D 27 0.85 -5.12 24.75
CA GLY D 27 0.65 -4.36 25.97
C GLY D 27 -0.71 -3.68 25.93
N GLY D 28 -0.79 -2.50 26.56
CA GLY D 28 -2.02 -1.73 26.60
C GLY D 28 -1.64 -0.29 26.43
N LEU D 29 -2.49 0.49 25.78
CA LEU D 29 -2.22 1.91 25.58
C LEU D 29 -1.69 2.49 26.88
N PRO D 30 -0.38 2.82 26.94
CA PRO D 30 0.30 3.38 28.10
C PRO D 30 0.05 4.87 28.28
N GLY D 31 0.44 5.39 29.44
CA GLY D 31 0.22 6.80 29.75
C GLY D 31 1.42 7.69 29.54
N ALA D 32 1.18 8.99 29.60
CA ALA D 32 2.22 9.98 29.41
C ALA D 32 3.23 10.01 30.56
N SER D 33 3.98 8.91 30.67
CA SER D 33 5.00 8.70 31.70
C SER D 33 5.30 7.22 31.83
N SER D 34 4.79 6.41 30.91
CA SER D 34 5.05 4.99 30.95
C SER D 34 6.47 4.72 30.43
N GLU D 35 7.36 4.35 31.35
CA GLU D 35 8.75 4.02 31.02
C GLU D 35 8.87 2.51 31.22
N LYS D 36 9.57 1.83 30.31
CA LYS D 36 9.75 0.38 30.39
C LYS D 36 10.15 0.00 31.82
N ASN D 37 9.45 -0.97 32.40
CA ASN D 37 9.71 -1.37 33.79
C ASN D 37 9.57 -0.11 34.63
N LYS D 38 8.32 0.35 34.68
CA LYS D 38 7.82 1.54 35.40
C LYS D 38 6.56 1.91 34.62
N LYS D 39 5.83 0.87 34.20
CA LYS D 39 4.62 1.03 33.42
C LYS D 39 3.48 1.74 34.14
N SER D 40 2.97 2.77 33.47
CA SER D 40 1.86 3.57 33.98
C SER D 40 0.91 3.75 32.78
N TYR D 41 -0.38 3.56 33.01
CA TYR D 41 -1.36 3.66 31.95
C TYR D 41 -2.37 4.76 32.24
N PRO D 42 -3.22 5.11 31.26
CA PRO D 42 -4.21 6.17 31.46
C PRO D 42 -5.03 6.00 32.75
N GLN D 43 -5.26 7.11 33.44
CA GLN D 43 -5.96 7.11 34.71
C GLN D 43 -6.89 8.28 34.88
N VAL D 44 -8.05 8.00 35.50
CA VAL D 44 -9.03 9.03 35.81
C VAL D 44 -9.58 8.80 37.22
N LYS D 45 -10.17 9.86 37.78
CA LYS D 45 -10.77 9.85 39.10
C LYS D 45 -12.05 10.69 39.14
N ILE D 46 -13.03 10.24 39.89
CA ILE D 46 -14.24 11.01 40.06
C ILE D 46 -14.10 11.62 41.47
N CYS D 47 -14.03 12.96 41.50
CA CYS D 47 -13.90 13.72 42.73
C CYS D 47 -15.26 14.23 43.21
N ASN D 48 -15.37 14.46 44.52
CA ASN D 48 -16.60 14.93 45.17
C ASN D 48 -17.54 13.73 45.26
N TYR D 49 -16.98 12.53 45.06
CA TYR D 49 -17.73 11.28 45.12
C TYR D 49 -19.03 11.28 44.31
N VAL D 50 -19.65 10.10 44.21
CA VAL D 50 -20.92 9.84 43.51
C VAL D 50 -21.48 8.49 43.99
N GLY D 51 -20.62 7.70 44.61
CA GLY D 51 -21.04 6.41 45.13
C GLY D 51 -20.54 5.40 44.14
N PRO D 52 -21.10 4.18 44.12
CA PRO D 52 -20.62 3.18 43.15
C PRO D 52 -20.77 3.90 41.82
N ALA D 53 -19.81 3.75 40.94
CA ALA D 53 -19.93 4.42 39.68
C ALA D 53 -19.58 3.51 38.53
N LYS D 54 -20.07 3.90 37.36
CA LYS D 54 -19.82 3.18 36.12
C LYS D 54 -19.12 4.23 35.26
N VAL D 55 -18.13 3.78 34.49
CA VAL D 55 -17.40 4.68 33.60
C VAL D 55 -17.25 4.00 32.24
N ILE D 56 -17.54 4.77 31.20
CA ILE D 56 -17.42 4.31 29.84
C ILE D 56 -16.25 5.02 29.15
N VAL D 57 -15.51 4.24 28.39
CA VAL D 57 -14.39 4.73 27.62
C VAL D 57 -14.82 4.50 26.18
N GLN D 58 -14.93 5.59 25.43
CA GLN D 58 -15.30 5.49 24.05
C GLN D 58 -14.35 6.34 23.19
N LEU D 59 -14.05 5.83 22.01
CA LEU D 59 -13.14 6.50 21.10
C LEU D 59 -13.87 7.61 20.34
N VAL D 60 -13.30 8.81 20.39
CA VAL D 60 -13.89 9.92 19.68
C VAL D 60 -12.94 10.67 18.73
N THR D 61 -13.49 11.69 18.09
CA THR D 61 -12.82 12.49 17.08
C THR D 61 -11.93 13.66 17.53
N ASN D 62 -10.70 13.68 17.01
CA ASN D 62 -9.76 14.74 17.29
C ASN D 62 -10.21 15.67 16.20
N GLY D 63 -10.88 16.75 16.56
CA GLY D 63 -11.35 17.65 15.53
C GLY D 63 -12.09 18.81 16.14
N LYS D 64 -12.31 19.85 15.32
CA LYS D 64 -13.01 21.07 15.73
C LYS D 64 -14.42 20.82 16.26
N ASN D 65 -14.82 19.56 16.29
CA ASN D 65 -16.13 19.13 16.76
C ASN D 65 -16.02 17.64 17.05
N ILE D 66 -15.70 17.31 18.29
CA ILE D 66 -15.53 15.93 18.72
C ILE D 66 -16.79 15.10 18.41
N HIS D 67 -16.60 13.95 17.74
CA HIS D 67 -17.67 13.02 17.34
C HIS D 67 -17.24 11.59 17.67
N LEU D 68 -18.03 10.59 17.27
CA LEU D 68 -17.68 9.18 17.51
C LEU D 68 -16.67 8.74 16.43
N HIS D 69 -15.56 8.14 16.82
CA HIS D 69 -14.63 7.74 15.79
C HIS D 69 -15.07 6.39 15.27
N ALA D 70 -14.56 6.01 14.09
CA ALA D 70 -14.89 4.72 13.50
C ALA D 70 -14.08 3.54 14.06
N HIS D 71 -12.88 3.79 14.60
CA HIS D 71 -12.04 2.71 15.15
C HIS D 71 -12.62 2.19 16.46
N SER D 72 -12.05 1.12 16.98
CA SER D 72 -12.58 0.55 18.21
C SER D 72 -11.59 0.18 19.31
N LEU D 73 -11.90 0.59 20.55
CA LEU D 73 -11.09 0.26 21.72
C LEU D 73 -11.47 -1.17 21.98
N VAL D 74 -10.48 -2.06 22.08
CA VAL D 74 -10.72 -3.47 22.32
C VAL D 74 -9.94 -3.81 23.57
N GLY D 75 -10.46 -4.76 24.34
CA GLY D 75 -9.84 -5.18 25.58
C GLY D 75 -10.93 -5.78 26.47
N LYS D 76 -10.56 -6.16 27.70
CA LYS D 76 -11.50 -6.72 28.70
C LYS D 76 -12.40 -5.57 29.13
N HIS D 77 -13.61 -5.84 29.58
CA HIS D 77 -14.48 -4.73 29.98
C HIS D 77 -14.70 -3.77 28.80
N CYS D 78 -14.34 -4.23 27.59
CA CYS D 78 -14.47 -3.44 26.37
C CYS D 78 -15.35 -4.22 25.43
N GLU D 79 -16.39 -3.60 24.91
CA GLU D 79 -17.29 -4.33 24.02
C GLU D 79 -17.82 -3.36 23.01
N ASP D 80 -17.76 -3.74 21.74
CA ASP D 80 -18.22 -2.88 20.65
C ASP D 80 -17.54 -1.52 20.61
N GLY D 81 -16.27 -1.47 21.00
CA GLY D 81 -15.58 -0.19 21.00
C GLY D 81 -15.94 0.77 22.12
N VAL D 82 -16.50 0.23 23.20
CA VAL D 82 -16.91 1.00 24.37
C VAL D 82 -16.57 0.15 25.57
N CYS D 83 -15.78 0.72 26.46
CA CYS D 83 -15.37 0.01 27.67
C CYS D 83 -16.14 0.57 28.84
N THR D 84 -16.43 -0.29 29.80
CA THR D 84 -17.16 0.14 30.98
C THR D 84 -16.47 -0.42 32.22
N VAL D 85 -16.34 0.44 33.24
CA VAL D 85 -15.72 0.07 34.51
C VAL D 85 -16.57 0.53 35.68
N THR D 86 -16.60 -0.25 36.74
CA THR D 86 -17.37 0.10 37.93
C THR D 86 -16.45 0.72 38.96
N ALA D 87 -16.41 2.05 39.01
CA ALA D 87 -15.58 2.76 39.96
C ALA D 87 -15.91 2.09 41.29
N GLY D 88 -14.91 1.40 41.83
CA GLY D 88 -15.06 0.68 43.09
C GLY D 88 -15.92 1.34 44.15
N PRO D 89 -16.40 0.57 45.13
CA PRO D 89 -17.25 1.09 46.20
C PRO D 89 -16.61 2.27 46.93
N LYS D 90 -15.33 2.17 47.24
CA LYS D 90 -14.66 3.25 47.95
C LYS D 90 -13.57 3.95 47.13
N ASP D 91 -12.93 3.20 46.23
CA ASP D 91 -11.84 3.71 45.41
C ASP D 91 -12.04 5.02 44.65
N MET D 92 -12.94 5.03 43.68
CA MET D 92 -13.25 6.24 42.90
C MET D 92 -12.26 6.66 41.80
N VAL D 93 -11.04 6.15 41.87
CA VAL D 93 -10.04 6.45 40.84
C VAL D 93 -9.93 5.19 39.98
N VAL D 94 -10.17 5.34 38.67
CA VAL D 94 -10.10 4.19 37.77
C VAL D 94 -9.02 4.31 36.72
N GLY D 95 -8.57 3.12 36.30
CA GLY D 95 -7.54 3.03 35.30
C GLY D 95 -7.88 1.93 34.33
N PHE D 96 -7.36 2.08 33.11
CA PHE D 96 -7.57 1.13 32.05
C PHE D 96 -6.16 0.84 31.60
N ALA D 97 -5.66 -0.32 31.97
CA ALA D 97 -4.29 -0.71 31.66
C ALA D 97 -4.25 -1.83 30.67
N ASN D 98 -4.99 -1.70 29.58
CA ASN D 98 -5.02 -2.75 28.57
C ASN D 98 -5.93 -2.37 27.40
N LEU D 99 -6.03 -1.08 27.11
CA LEU D 99 -6.84 -0.61 25.99
C LEU D 99 -6.08 -0.83 24.70
N GLY D 100 -6.76 -1.39 23.69
CA GLY D 100 -6.17 -1.63 22.39
C GLY D 100 -6.97 -0.78 21.41
N ILE D 101 -6.35 -0.41 20.30
CA ILE D 101 -7.06 0.40 19.31
C ILE D 101 -7.10 -0.26 17.94
N LEU D 102 -8.29 -0.78 17.60
CA LEU D 102 -8.61 -1.46 16.34
C LEU D 102 -8.84 -0.45 15.21
N HIS D 103 -8.03 -0.57 14.16
CA HIS D 103 -8.03 0.30 12.97
C HIS D 103 -9.05 -0.20 11.97
N VAL D 104 -10.02 0.63 11.60
CA VAL D 104 -10.97 0.19 10.59
C VAL D 104 -10.36 0.48 9.22
N THR D 105 -10.97 -0.12 8.20
CA THR D 105 -10.54 0.05 6.83
C THR D 105 -11.33 1.24 6.29
N LYS D 106 -10.74 1.96 5.35
CA LYS D 106 -11.40 3.11 4.74
C LYS D 106 -12.69 2.66 4.07
N LYS D 107 -12.82 1.36 3.82
CA LYS D 107 -13.99 0.78 3.17
C LYS D 107 -15.15 0.56 4.17
N LYS D 108 -14.83 0.03 5.36
CA LYS D 108 -15.81 -0.24 6.42
C LYS D 108 -16.12 0.88 7.43
N VAL D 109 -15.72 2.12 7.14
CA VAL D 109 -15.95 3.27 8.03
C VAL D 109 -17.41 3.72 8.22
N PHE D 110 -18.22 3.62 7.17
CA PHE D 110 -19.65 4.00 7.24
C PHE D 110 -20.42 2.98 8.09
N GLU D 111 -20.48 1.76 7.63
CA GLU D 111 -21.19 0.75 8.35
C GLU D 111 -20.86 0.73 9.81
N THR D 112 -19.57 0.72 10.16
CA THR D 112 -19.14 0.65 11.55
C THR D 112 -19.56 1.86 12.35
N LEU D 113 -19.43 3.03 11.75
CA LEU D 113 -19.81 4.26 12.42
C LEU D 113 -21.33 4.29 12.69
N GLU D 114 -22.11 4.08 11.63
CA GLU D 114 -23.56 4.08 11.70
C GLU D 114 -24.01 3.21 12.85
N ALA D 115 -23.48 1.98 12.91
CA ALA D 115 -23.82 1.07 13.99
C ALA D 115 -23.40 1.66 15.34
N ARG D 116 -22.22 2.28 15.40
CA ARG D 116 -21.77 2.90 16.64
C ARG D 116 -22.74 3.99 17.11
N MET D 117 -23.26 4.77 16.18
CA MET D 117 -24.21 5.82 16.55
C MET D 117 -25.49 5.18 17.07
N THR D 118 -25.91 4.11 16.39
CA THR D 118 -27.12 3.38 16.77
C THR D 118 -27.07 2.81 18.18
N GLU D 119 -26.06 1.98 18.43
CA GLU D 119 -25.90 1.40 19.75
C GLU D 119 -25.60 2.46 20.82
N ALA D 120 -25.14 3.64 20.42
CA ALA D 120 -24.84 4.74 21.35
C ALA D 120 -26.11 5.50 21.72
N CYS D 121 -27.10 5.45 20.83
CA CYS D 121 -28.36 6.12 21.07
C CYS D 121 -29.21 5.23 21.98
N ILE D 122 -29.32 3.96 21.59
CA ILE D 122 -30.08 2.93 22.33
C ILE D 122 -29.47 2.58 23.70
N ARG D 123 -28.51 3.37 24.17
CA ARG D 123 -27.82 3.11 25.43
C ARG D 123 -27.43 4.40 26.16
N GLY D 124 -27.79 5.56 25.61
CA GLY D 124 -27.49 6.82 26.25
C GLY D 124 -26.03 7.22 26.44
N TYR D 125 -25.13 6.67 25.63
CA TYR D 125 -23.70 7.00 25.72
C TYR D 125 -23.37 8.28 24.96
N ASN D 126 -23.89 9.41 25.43
CA ASN D 126 -23.65 10.72 24.81
C ASN D 126 -24.17 10.94 23.37
N PRO D 127 -25.44 10.58 23.09
CA PRO D 127 -26.01 10.77 21.74
C PRO D 127 -26.08 12.22 21.26
N GLY D 128 -26.80 13.05 22.02
CA GLY D 128 -26.95 14.44 21.64
C GLY D 128 -25.65 15.19 21.57
N LEU D 129 -24.55 14.53 21.89
CA LEU D 129 -23.22 15.13 21.87
C LEU D 129 -22.36 14.58 20.70
N LEU D 130 -22.15 13.27 20.73
CA LEU D 130 -21.35 12.60 19.74
C LEU D 130 -22.04 12.55 18.39
N VAL D 131 -23.32 12.21 18.38
CA VAL D 131 -24.06 12.08 17.14
C VAL D 131 -24.65 13.40 16.60
N HIS D 132 -25.81 13.80 17.10
CA HIS D 132 -26.49 15.01 16.64
C HIS D 132 -27.37 15.53 17.77
N SER D 133 -27.35 16.84 17.99
CA SER D 133 -28.16 17.45 19.04
C SER D 133 -29.55 16.87 19.01
N ASP D 134 -30.10 16.79 17.79
CA ASP D 134 -31.45 16.29 17.58
C ASP D 134 -31.80 15.02 18.31
N LEU D 135 -30.78 14.25 18.69
CA LEU D 135 -30.97 12.99 19.40
C LEU D 135 -30.48 13.09 20.85
N ALA D 136 -30.53 14.30 21.42
CA ALA D 136 -30.06 14.50 22.79
C ALA D 136 -30.98 13.79 23.76
N TYR D 137 -32.27 13.98 23.55
CA TYR D 137 -33.30 13.39 24.39
C TYR D 137 -33.07 11.93 24.69
N LEU D 138 -32.33 11.25 23.83
CA LEU D 138 -32.09 9.84 24.02
C LEU D 138 -31.44 9.38 25.35
N GLN D 139 -32.34 8.93 26.22
CA GLN D 139 -32.05 8.40 27.55
C GLN D 139 -33.40 8.31 28.26
N ALA D 140 -34.19 9.38 28.13
CA ALA D 140 -35.53 9.50 28.72
C ALA D 140 -35.77 8.67 30.00
N GLU D 141 -36.66 7.69 29.91
CA GLU D 141 -36.98 6.83 31.03
C GLU D 141 -36.99 5.37 30.55
N GLY D 142 -36.14 5.09 29.58
CA GLY D 142 -36.07 3.74 29.03
C GLY D 142 -35.31 2.82 29.97
N GLY D 143 -35.80 1.58 30.10
CA GLY D 143 -35.15 0.62 30.96
C GLY D 143 -33.82 0.18 30.39
N GLY D 144 -32.82 1.07 30.47
CA GLY D 144 -31.50 0.77 29.95
C GLY D 144 -31.44 0.63 28.44
N ASP D 145 -32.30 1.35 27.72
CA ASP D 145 -32.30 1.29 26.26
C ASP D 145 -33.23 2.31 25.60
N ARG D 146 -33.55 2.04 24.34
CA ARG D 146 -34.42 2.86 23.54
C ARG D 146 -34.82 2.04 22.31
N GLN D 147 -35.93 2.40 21.67
CA GLN D 147 -36.36 1.75 20.44
C GLN D 147 -36.48 2.92 19.47
N LEU D 148 -35.48 3.05 18.63
CA LEU D 148 -35.36 4.14 17.67
C LEU D 148 -36.57 4.41 16.77
N THR D 149 -36.87 5.70 16.60
CA THR D 149 -38.02 6.13 15.82
C THR D 149 -37.77 6.77 14.46
N ASP D 150 -38.86 7.28 13.90
CA ASP D 150 -38.95 7.96 12.59
C ASP D 150 -37.64 8.57 12.16
N ARG D 151 -37.47 9.85 12.46
CA ARG D 151 -36.25 10.54 12.10
C ARG D 151 -35.06 10.06 12.93
N GLU D 152 -35.38 9.39 14.05
CA GLU D 152 -34.45 8.83 15.05
C GLU D 152 -33.64 7.62 14.52
N LYS D 153 -33.49 7.56 13.21
CA LYS D 153 -32.75 6.53 12.53
C LYS D 153 -32.32 7.23 11.26
N GLU D 154 -33.24 8.00 10.67
CA GLU D 154 -32.92 8.71 9.45
C GLU D 154 -31.72 9.60 9.66
N ILE D 155 -31.85 10.55 10.59
CA ILE D 155 -30.77 11.50 10.90
C ILE D 155 -29.45 10.79 11.26
N ILE D 156 -29.57 9.54 11.74
CA ILE D 156 -28.43 8.71 12.10
C ILE D 156 -27.76 8.29 10.81
N ARG D 157 -28.48 7.59 9.94
CA ARG D 157 -27.92 7.15 8.66
C ARG D 157 -27.37 8.36 7.92
N GLN D 158 -28.07 9.48 8.08
CA GLN D 158 -27.70 10.72 7.46
C GLN D 158 -26.35 11.18 7.95
N ALA D 159 -26.24 11.33 9.27
CA ALA D 159 -25.00 11.79 9.89
C ALA D 159 -23.79 10.92 9.57
N ALA D 160 -24.00 9.62 9.54
CA ALA D 160 -22.93 8.66 9.25
C ALA D 160 -22.24 8.88 7.91
N VAL D 161 -22.93 9.51 6.96
CA VAL D 161 -22.35 9.76 5.63
C VAL D 161 -21.54 11.05 5.64
N GLN D 162 -22.09 12.09 6.23
CA GLN D 162 -21.37 13.35 6.24
C GLN D 162 -20.15 13.26 7.15
N GLN D 163 -20.29 12.51 8.24
CA GLN D 163 -19.18 12.34 9.17
C GLN D 163 -18.07 11.45 8.63
N THR D 164 -18.43 10.40 7.87
CA THR D 164 -17.46 9.46 7.28
C THR D 164 -16.55 10.14 6.27
N LYS D 165 -17.02 11.27 5.75
CA LYS D 165 -16.27 12.06 4.79
C LYS D 165 -15.20 12.86 5.53
N GLU D 166 -15.51 13.23 6.75
CA GLU D 166 -14.62 14.02 7.59
C GLU D 166 -13.44 13.24 8.20
N MET D 167 -13.76 12.11 8.80
CA MET D 167 -12.82 11.25 9.51
C MET D 167 -11.35 11.08 9.15
N ASP D 168 -10.54 11.26 10.18
CA ASP D 168 -9.09 11.12 10.12
C ASP D 168 -8.89 9.75 10.73
N LEU D 169 -8.32 8.82 9.99
CA LEU D 169 -8.17 7.50 10.52
C LEU D 169 -6.86 7.33 11.24
N SER D 170 -6.12 8.41 11.42
CA SER D 170 -4.82 8.29 12.10
C SER D 170 -4.79 8.74 13.55
N VAL D 171 -5.74 9.59 13.92
CA VAL D 171 -5.83 10.13 15.28
C VAL D 171 -7.11 9.74 16.01
N VAL D 172 -7.00 9.60 17.33
CA VAL D 172 -8.13 9.34 18.21
C VAL D 172 -7.89 10.02 19.54
N ARG D 173 -8.96 10.16 20.29
CA ARG D 173 -8.95 10.78 21.59
C ARG D 173 -9.92 9.94 22.39
N LEU D 174 -9.71 9.91 23.69
CA LEU D 174 -10.57 9.15 24.56
C LEU D 174 -11.47 10.14 25.25
N MET D 175 -12.68 9.70 25.58
CA MET D 175 -13.66 10.50 26.29
C MET D 175 -14.11 9.60 27.42
N PHE D 176 -13.94 10.07 28.64
CA PHE D 176 -14.35 9.34 29.83
C PHE D 176 -15.62 10.00 30.40
N THR D 177 -16.64 9.20 30.68
CA THR D 177 -17.88 9.73 31.21
C THR D 177 -18.28 8.87 32.38
N ALA D 178 -18.51 9.52 33.53
CA ALA D 178 -18.90 8.84 34.77
C ALA D 178 -20.42 8.80 34.92
N PHE D 179 -20.89 7.68 35.47
CA PHE D 179 -22.33 7.46 35.66
C PHE D 179 -22.74 7.20 37.10
N LEU D 180 -23.44 8.19 37.67
CA LEU D 180 -23.94 8.19 39.04
C LEU D 180 -25.29 7.50 39.19
N PRO D 181 -25.51 6.84 40.34
CA PRO D 181 -26.72 6.11 40.71
C PRO D 181 -27.79 6.97 41.38
N ASP D 182 -28.92 6.34 41.71
CA ASP D 182 -30.05 6.99 42.36
C ASP D 182 -31.06 5.91 42.75
N SER D 183 -32.36 6.23 42.65
CA SER D 183 -33.40 5.27 42.97
C SER D 183 -33.30 4.09 42.02
N THR D 184 -33.18 2.89 42.58
CA THR D 184 -33.05 1.65 41.81
C THR D 184 -31.70 1.63 41.09
N GLY D 185 -31.29 0.45 40.63
CA GLY D 185 -30.02 0.34 39.91
C GLY D 185 -30.11 1.12 38.62
N SER D 186 -29.83 2.42 38.70
CA SER D 186 -29.91 3.30 37.54
C SER D 186 -28.57 3.55 36.84
N PHE D 187 -27.67 4.24 37.54
CA PHE D 187 -26.36 4.61 37.00
C PHE D 187 -26.54 5.44 35.75
N THR D 188 -27.48 6.38 35.83
CA THR D 188 -27.78 7.26 34.72
C THR D 188 -27.69 8.74 35.06
N ARG D 189 -27.07 9.05 36.18
CA ARG D 189 -26.88 10.44 36.53
C ARG D 189 -25.52 10.69 35.91
N ARG D 190 -25.52 11.22 34.68
CA ARG D 190 -24.28 11.49 33.97
C ARG D 190 -23.43 12.54 34.68
N LEU D 191 -22.30 12.83 34.07
CA LEU D 191 -21.36 13.83 34.57
C LEU D 191 -20.75 14.33 33.26
N GLU D 192 -20.41 15.61 33.19
CA GLU D 192 -19.84 16.14 31.96
C GLU D 192 -18.63 15.31 31.50
N PRO D 193 -18.53 15.05 30.19
CA PRO D 193 -17.46 14.28 29.55
C PRO D 193 -16.07 14.91 29.60
N VAL D 194 -15.07 14.06 29.83
CA VAL D 194 -13.67 14.45 29.89
C VAL D 194 -12.92 13.82 28.70
N VAL D 195 -12.36 14.66 27.84
CA VAL D 195 -11.63 14.20 26.66
C VAL D 195 -10.12 14.29 26.87
N SER D 196 -9.46 13.14 26.79
CA SER D 196 -8.02 13.03 26.94
C SER D 196 -7.28 13.72 25.79
N ASP D 197 -6.01 13.38 25.63
CA ASP D 197 -5.20 13.96 24.57
C ASP D 197 -5.30 13.21 23.26
N ALA D 198 -4.78 13.84 22.21
CA ALA D 198 -4.74 13.29 20.86
C ALA D 198 -3.72 12.18 20.81
N ILE D 199 -4.14 11.02 20.30
CA ILE D 199 -3.27 9.86 20.20
C ILE D 199 -3.02 9.69 18.72
N TYR D 200 -1.77 9.74 18.28
CA TYR D 200 -1.44 9.61 16.86
C TYR D 200 -0.95 8.20 16.53
N ASP D 201 -1.35 7.67 15.37
CA ASP D 201 -0.96 6.31 15.01
C ASP D 201 0.49 6.28 14.58
N SER D 202 1.25 5.36 15.18
CA SER D 202 2.67 5.20 14.86
C SER D 202 2.83 4.80 13.40
N LYS D 203 1.94 3.95 12.91
CA LYS D 203 2.03 3.54 11.52
C LYS D 203 1.61 4.65 10.58
N ALA D 204 1.32 5.83 11.11
CA ALA D 204 0.93 6.95 10.28
C ALA D 204 2.21 7.53 9.68
N PRO D 205 2.22 7.75 8.35
CA PRO D 205 3.36 8.29 7.64
C PRO D 205 4.00 9.52 8.27
N ASN D 206 3.23 10.23 9.08
CA ASN D 206 3.69 11.45 9.71
C ASN D 206 3.77 11.40 11.24
N ALA D 207 3.89 10.20 11.79
CA ALA D 207 3.98 10.10 13.23
C ALA D 207 4.85 8.94 13.57
N SER D 208 5.48 8.36 12.55
CA SER D 208 6.37 7.22 12.73
C SER D 208 7.67 7.64 13.45
N ASN D 209 8.43 6.65 13.91
CA ASN D 209 9.69 6.90 14.62
C ASN D 209 10.89 7.17 13.70
N LEU D 210 11.34 8.42 13.65
CA LEU D 210 12.48 8.84 12.85
C LEU D 210 13.76 8.09 13.21
N LYS D 211 14.56 7.74 12.21
CA LYS D 211 15.81 6.99 12.42
C LYS D 211 16.81 7.03 11.27
N ILE D 212 18.07 7.38 11.57
CA ILE D 212 19.17 7.40 10.57
C ILE D 212 19.74 6.01 10.63
N VAL D 213 19.87 5.36 9.48
CA VAL D 213 20.36 4.00 9.43
C VAL D 213 21.84 3.89 9.12
N ARG D 214 22.26 4.49 8.01
CA ARG D 214 23.65 4.46 7.52
C ARG D 214 24.05 5.80 6.87
N MET D 215 25.36 6.07 6.85
CA MET D 215 25.87 7.29 6.25
C MET D 215 27.07 7.09 5.33
N ASP D 216 27.05 7.86 4.24
CA ASP D 216 28.03 7.90 3.16
C ASP D 216 29.38 8.32 3.68
N ARG D 217 29.36 9.50 4.27
CA ARG D 217 30.52 10.16 4.80
C ARG D 217 30.14 10.63 6.20
N THR D 218 30.90 10.18 7.19
CA THR D 218 30.66 10.53 8.59
C THR D 218 31.58 11.61 9.15
N ALA D 219 32.33 12.28 8.30
CA ALA D 219 33.25 13.34 8.72
C ALA D 219 33.55 14.23 7.53
N GLY D 220 33.88 15.49 7.79
CA GLY D 220 34.15 16.36 6.66
C GLY D 220 35.09 17.49 6.90
N CYS D 221 35.04 18.46 6.01
CA CYS D 221 35.86 19.66 6.09
C CYS D 221 34.94 20.68 6.71
N VAL D 222 35.51 21.52 7.57
CA VAL D 222 34.78 22.58 8.26
C VAL D 222 34.08 23.46 7.26
N THR D 223 34.60 23.53 6.04
CA THR D 223 33.95 24.29 4.98
C THR D 223 33.00 23.29 4.32
N GLY D 224 31.95 22.95 5.05
CA GLY D 224 30.98 22.00 4.57
C GLY D 224 30.44 22.37 3.20
N GLY D 225 29.64 21.48 2.64
CA GLY D 225 29.10 21.68 1.32
C GLY D 225 29.44 20.42 0.56
N GLU D 226 29.80 19.40 1.33
CA GLU D 226 30.16 18.09 0.80
C GLU D 226 28.90 17.25 0.83
N GLU D 227 28.75 16.43 -0.21
CA GLU D 227 27.59 15.57 -0.37
C GLU D 227 27.58 14.24 0.36
N ILE D 228 26.46 13.95 1.02
CA ILE D 228 26.30 12.69 1.73
C ILE D 228 25.03 11.98 1.26
N TYR D 229 25.11 10.65 1.27
CA TYR D 229 24.01 9.76 0.92
C TYR D 229 23.54 9.22 2.24
N LEU D 230 22.29 9.51 2.60
CA LEU D 230 21.76 9.05 3.87
C LEU D 230 20.57 8.11 3.75
N LEU D 231 20.70 6.90 4.31
CA LEU D 231 19.65 5.91 4.33
C LEU D 231 18.90 6.01 5.66
N CYS D 232 17.60 6.33 5.59
CA CYS D 232 16.74 6.51 6.76
C CYS D 232 15.45 5.66 6.68
N ASP D 233 14.69 5.66 7.78
CA ASP D 233 13.42 4.96 7.84
C ASP D 233 12.45 6.00 7.26
N LYS D 234 11.21 5.63 7.05
CA LYS D 234 10.27 6.54 6.40
C LYS D 234 10.19 7.97 6.87
N VAL D 235 10.35 8.92 5.94
CA VAL D 235 10.22 10.35 6.24
C VAL D 235 9.29 10.92 5.16
N GLN D 236 8.98 12.21 5.15
CA GLN D 236 8.15 12.77 4.07
C GLN D 236 8.89 13.96 3.49
N LYS D 237 9.23 13.90 2.21
CA LYS D 237 10.02 14.95 1.56
C LYS D 237 9.70 16.41 1.80
N ASP D 238 8.48 16.75 2.18
CA ASP D 238 8.15 18.14 2.41
C ASP D 238 8.16 18.50 3.88
N ASP D 239 8.46 17.53 4.72
CA ASP D 239 8.43 17.75 6.16
C ASP D 239 9.66 17.16 6.82
N ILE D 240 10.80 17.33 6.19
CA ILE D 240 11.99 16.76 6.80
C ILE D 240 13.16 17.70 6.61
N GLN D 241 14.03 17.70 7.62
CA GLN D 241 15.24 18.51 7.63
C GLN D 241 16.26 17.69 8.40
N ILE D 242 17.53 18.01 8.17
CA ILE D 242 18.58 17.33 8.86
C ILE D 242 19.43 18.39 9.59
N ARG D 243 19.53 18.20 10.89
CA ARG D 243 20.20 19.12 11.80
C ARG D 243 21.53 18.63 12.34
N PHE D 244 22.54 19.48 12.21
CA PHE D 244 23.88 19.22 12.73
C PHE D 244 23.94 20.16 13.97
N TYR D 245 24.15 19.59 15.16
CA TYR D 245 24.22 20.37 16.41
C TYR D 245 25.31 19.83 17.34
N GLU D 246 25.55 20.51 18.45
CA GLU D 246 26.56 20.08 19.40
C GLU D 246 26.23 20.51 20.82
N GLU D 247 26.89 19.89 21.78
CA GLU D 247 26.69 20.20 23.20
C GLU D 247 27.43 21.49 23.53
N GLU D 248 26.85 22.30 24.42
CA GLU D 248 27.46 23.56 24.83
C GLU D 248 26.70 24.10 26.03
N GLU D 249 27.09 25.31 26.48
CA GLU D 249 26.45 25.94 27.62
C GLU D 249 25.23 26.77 27.20
N ASN D 250 24.83 27.70 28.05
CA ASN D 250 23.68 28.56 27.78
C ASN D 250 23.86 29.43 26.53
N GLY D 251 22.81 29.55 25.74
CA GLY D 251 22.86 30.35 24.53
C GLY D 251 22.84 29.53 23.26
N GLY D 252 22.25 30.11 22.20
CA GLY D 252 22.18 29.41 20.93
C GLY D 252 23.55 29.46 20.27
N VAL D 253 24.28 28.35 20.35
CA VAL D 253 25.62 28.28 19.78
C VAL D 253 25.66 27.78 18.34
N TRP D 254 25.73 26.46 18.15
CA TRP D 254 25.80 25.90 16.81
C TRP D 254 24.63 24.96 16.49
N GLU D 255 24.02 25.23 15.34
CA GLU D 255 22.93 24.45 14.84
C GLU D 255 22.98 24.79 13.35
N GLY D 256 23.23 23.76 12.54
CA GLY D 256 23.30 23.89 11.09
C GLY D 256 22.41 22.87 10.39
N PHE D 257 21.85 23.22 9.25
CA PHE D 257 20.96 22.31 8.53
C PHE D 257 21.52 21.84 7.19
N GLY D 258 21.33 20.55 6.90
CA GLY D 258 21.81 19.95 5.67
C GLY D 258 21.22 20.62 4.45
N ASP D 259 22.02 20.68 3.37
CA ASP D 259 21.60 21.32 2.12
C ASP D 259 20.97 20.39 1.06
N PHE D 260 19.65 20.53 0.85
CA PHE D 260 18.92 19.72 -0.12
C PHE D 260 17.48 20.21 -0.29
N SER D 261 16.80 19.71 -1.32
CA SER D 261 15.39 20.04 -1.59
C SER D 261 14.59 18.74 -1.56
N PRO D 262 13.25 18.82 -1.48
CA PRO D 262 12.43 17.59 -1.45
C PRO D 262 12.70 16.56 -2.54
N THR D 263 13.16 17.04 -3.70
CA THR D 263 13.46 16.17 -4.84
C THR D 263 14.61 15.24 -4.58
N ASP D 264 15.38 15.52 -3.53
CA ASP D 264 16.55 14.73 -3.20
C ASP D 264 16.24 13.63 -2.23
N VAL D 265 15.02 13.63 -1.68
CA VAL D 265 14.58 12.56 -0.76
C VAL D 265 14.11 11.50 -1.72
N HIS D 266 14.76 10.35 -1.67
CA HIS D 266 14.50 9.27 -2.59
C HIS D 266 13.55 8.19 -2.09
N ARG D 267 12.34 8.18 -2.62
CA ARG D 267 11.36 7.18 -2.27
C ARG D 267 11.17 7.02 -0.76
N GLN D 268 11.21 8.18 -0.07
CA GLN D 268 11.04 8.29 1.39
C GLN D 268 12.02 7.53 2.31
N PHE D 269 13.06 6.93 1.77
CA PHE D 269 13.96 6.10 2.58
C PHE D 269 15.44 6.42 2.41
N ALA D 270 15.75 7.58 1.82
CA ALA D 270 17.15 8.00 1.62
C ALA D 270 17.17 9.46 1.24
N ILE D 271 18.16 10.22 1.69
CA ILE D 271 18.30 11.64 1.35
C ILE D 271 19.72 11.94 0.89
N VAL D 272 19.86 12.71 -0.16
CA VAL D 272 21.18 13.08 -0.66
C VAL D 272 21.38 14.56 -0.36
N PHE D 273 22.31 14.86 0.55
CA PHE D 273 22.52 16.26 0.91
C PHE D 273 23.97 16.75 0.97
N LYS D 274 24.12 18.05 1.20
CA LYS D 274 25.40 18.73 1.33
C LYS D 274 25.53 19.16 2.78
N THR D 275 26.70 18.92 3.36
CA THR D 275 26.99 19.30 4.75
C THR D 275 27.11 20.81 4.97
N PRO D 276 26.81 21.28 6.20
CA PRO D 276 26.92 22.71 6.45
C PRO D 276 28.35 22.94 6.98
N LYS D 277 28.84 24.16 6.91
CA LYS D 277 30.17 24.49 7.45
C LYS D 277 29.96 24.78 8.92
N TYR D 278 31.03 24.76 9.70
CA TYR D 278 30.95 25.08 11.14
C TYR D 278 30.72 26.60 11.23
N LYS D 279 30.69 27.18 12.43
CA LYS D 279 30.52 28.64 12.52
C LYS D 279 31.87 29.28 12.22
N ASP D 280 32.73 28.52 11.53
CA ASP D 280 34.08 28.94 11.20
C ASP D 280 34.73 28.21 10.01
N VAL D 281 36.01 27.95 10.19
CA VAL D 281 36.90 27.27 9.26
C VAL D 281 38.23 27.54 9.96
N ASN D 282 38.32 28.76 10.48
CA ASN D 282 39.47 29.31 11.17
C ASN D 282 39.78 28.68 12.52
N ILE D 283 39.69 27.36 12.63
CA ILE D 283 39.99 26.70 13.89
C ILE D 283 40.97 25.59 13.59
N THR D 284 41.55 25.05 14.66
CA THR D 284 42.50 23.97 14.58
C THR D 284 41.96 22.88 15.47
N LYS D 285 42.12 21.64 15.04
CA LYS D 285 41.62 20.48 15.77
C LYS D 285 40.16 20.07 15.45
N PRO D 286 39.96 18.81 15.03
CA PRO D 286 38.64 18.28 14.69
C PRO D 286 37.64 18.48 15.83
N ALA D 287 36.43 18.92 15.46
CA ALA D 287 35.35 19.16 16.41
C ALA D 287 34.17 18.23 16.17
N SER D 288 33.87 17.37 17.13
CA SER D 288 32.77 16.44 17.00
C SER D 288 31.38 17.08 17.19
N VAL D 289 30.44 16.68 16.32
CA VAL D 289 29.05 17.18 16.32
C VAL D 289 28.07 16.01 16.16
N PHE D 290 26.80 16.38 16.11
CA PHE D 290 25.71 15.42 15.95
C PHE D 290 24.81 15.86 14.80
N VAL D 291 24.28 14.86 14.08
CA VAL D 291 23.36 15.05 12.95
C VAL D 291 22.07 14.36 13.42
N GLN D 292 20.93 14.94 13.06
CA GLN D 292 19.63 14.41 13.49
C GLN D 292 18.57 14.81 12.49
N LEU D 293 17.58 13.95 12.27
CA LEU D 293 16.50 14.27 11.35
C LEU D 293 15.42 14.89 12.23
N ARG D 294 14.57 15.70 11.63
CA ARG D 294 13.50 16.29 12.40
C ARG D 294 12.39 16.74 11.48
N ARG D 295 11.14 16.47 11.87
CA ARG D 295 9.98 16.87 11.10
C ARG D 295 9.77 18.36 11.25
N LYS D 296 9.87 19.09 10.15
CA LYS D 296 9.64 20.53 10.18
C LYS D 296 8.31 20.92 10.84
N SER D 297 7.34 20.01 10.82
CA SER D 297 6.01 20.30 11.36
C SER D 297 5.90 20.39 12.88
N ASP D 298 6.18 19.28 13.55
CA ASP D 298 6.09 19.22 15.00
C ASP D 298 7.45 19.24 15.68
N LEU D 299 8.51 19.08 14.91
CA LEU D 299 9.86 19.03 15.44
C LEU D 299 10.23 17.72 16.14
N GLU D 300 9.62 16.61 15.76
CA GLU D 300 9.95 15.31 16.34
C GLU D 300 11.34 14.98 15.79
N THR D 301 12.16 14.21 16.53
CA THR D 301 13.51 13.87 16.07
C THR D 301 13.94 12.42 16.26
N SER D 302 15.12 12.10 15.76
CA SER D 302 15.72 10.77 15.85
C SER D 302 16.94 10.76 16.77
N GLU D 303 17.42 9.57 17.09
CA GLU D 303 18.61 9.41 17.91
C GLU D 303 19.65 10.02 16.98
N PRO D 304 20.54 10.88 17.50
CA PRO D 304 21.57 11.51 16.68
C PRO D 304 22.72 10.63 16.29
N LYS D 305 23.40 11.07 15.24
CA LYS D 305 24.55 10.37 14.74
C LYS D 305 25.76 11.31 14.77
N PRO D 306 26.93 10.78 15.13
CA PRO D 306 28.20 11.53 15.21
C PRO D 306 28.69 12.04 13.88
N PHE D 307 29.27 13.22 13.91
CA PHE D 307 29.86 13.79 12.71
C PHE D 307 31.12 14.51 13.20
N LEU D 308 32.18 14.52 12.39
CA LEU D 308 33.39 15.21 12.80
C LEU D 308 33.90 16.17 11.75
N TYR D 309 33.94 17.45 12.06
CA TYR D 309 34.49 18.39 11.10
C TYR D 309 36.03 18.36 11.24
N TYR D 310 36.74 18.52 10.13
CA TYR D 310 38.20 18.52 10.09
C TYR D 310 38.70 19.90 9.66
N PRO D 311 39.97 20.22 9.96
CA PRO D 311 40.64 21.48 9.65
C PRO D 311 40.97 21.70 8.17
N GLU D 312 42.00 20.99 7.70
CA GLU D 312 42.49 21.05 6.32
C GLU D 312 42.56 19.60 5.80
#